data_2NC1
#
_entry.id   2NC1
#
_entity_poly.entity_id   1
_entity_poly.type   'polyribonucleotide'
_entity_poly.pdbx_seq_one_letter_code
;GGGGCUGAAGGAUGCCCAGAGAGAUCUGGGGCCUCGGGAGAUCGAGGUUAAAAAACGUCUAGGCCCC
;
_entity_poly.pdbx_strand_id   A
#
loop_
_chem_comp.id
_chem_comp.type
_chem_comp.name
_chem_comp.formula
A RNA linking ADENOSINE-5'-MONOPHOSPHATE 'C10 H14 N5 O7 P'
C RNA linking CYTIDINE-5'-MONOPHOSPHATE 'C9 H14 N3 O8 P'
G RNA linking GUANOSINE-5'-MONOPHOSPHATE 'C10 H14 N5 O8 P'
U RNA linking URIDINE-5'-MONOPHOSPHATE 'C9 H13 N2 O9 P'
#